data_1LQD
#
_entry.id   1LQD
#
_cell.length_a   56.659
_cell.length_b   72.398
_cell.length_c   78.486
_cell.angle_alpha   90.00
_cell.angle_beta   90.00
_cell.angle_gamma   90.00
#
_symmetry.space_group_name_H-M   'P 21 21 21'
#
loop_
_entity.id
_entity.type
_entity.pdbx_description
1 polymer 'Blood coagulation factor Xa'
2 polymer 'Blood coagulation factor Xa'
3 non-polymer 'CALCIUM ION'
4 non-polymer '1-(3-CARBAMIMIDOYL-BENZYL)-4-METHYL-1H-INDOLE-2-CARBOXYLIC ACID 3,5-DIMETHYL-BENZYLAMIDE'
5 water water
#
loop_
_entity_poly.entity_id
_entity_poly.type
_entity_poly.pdbx_seq_one_letter_code
_entity_poly.pdbx_strand_id
1 'polypeptide(L)'
;EEMKKGHLERECMEETCSYEEAREVFEDSDKTNEFWNKYKDGDQCETSPCQNQGKCKDGLGEYTCTCLEGFEGKNCELFT
RKLCSLDNGDCDQFCHEEQNSVVCSCARGYTLADNGKACIPTGPYPCGKQTLER
;
A
2 'polypeptide(L)'
;IVGGQECKDGECPWQALLINEENEGFCGGTILSEFYILTAAHCLYQAKRFKVRVGDRNTEQEEGGEAVHEVEVVIKHNRF
TKETYDFDIAVLRLKTPITFRMNVAPACLPERDWAESTLMTQKTGIVSGFGRTHEKGRQSTRLKMLEVPYVDRNSCKLSS
SFIITQNMFCAGYDTKQEDACQGDSGGPHVTRFKDTYFVTGIVSWGEGCARKGKYGIYTKVTAFLKWIDRSMKTRGLPKA
KSHAPEVITSSPLK
;
B
#
# COMPACT_ATOMS: atom_id res chain seq x y z
N ARG A 81 24.66 8.87 -14.12
CA ARG A 81 24.68 8.01 -12.89
C ARG A 81 25.92 8.30 -12.04
N LYS A 82 25.80 9.27 -11.15
CA LYS A 82 26.90 9.68 -10.30
C LYS A 82 26.82 9.24 -8.83
N LEU A 83 26.10 10.00 -8.02
CA LEU A 83 25.96 9.68 -6.60
C LEU A 83 24.73 8.81 -6.40
N CYS A 84 23.68 9.31 -5.75
CA CYS A 84 22.47 8.53 -5.54
C CYS A 84 21.88 7.91 -6.81
N SER A 85 22.29 8.40 -7.98
CA SER A 85 21.80 7.84 -9.23
C SER A 85 22.60 6.59 -9.59
N LEU A 86 23.75 6.45 -8.97
CA LEU A 86 24.61 5.31 -9.21
C LEU A 86 24.35 4.24 -8.15
N ASP A 87 23.44 3.32 -8.47
CA ASP A 87 23.08 2.22 -7.57
C ASP A 87 22.62 2.69 -6.19
N ASN A 88 21.70 3.64 -6.18
CA ASN A 88 21.16 4.14 -4.93
C ASN A 88 22.28 4.63 -4.01
N GLY A 89 23.43 4.95 -4.58
CA GLY A 89 24.55 5.44 -3.78
C GLY A 89 25.07 4.37 -2.83
N ASP A 90 24.71 3.11 -3.10
CA ASP A 90 25.14 1.99 -2.28
C ASP A 90 24.38 1.91 -0.95
N CYS A 91 23.36 2.74 -0.79
CA CYS A 91 22.56 2.71 0.44
C CYS A 91 21.54 1.58 0.42
N ASP A 92 21.06 1.21 1.60
CA ASP A 92 20.08 0.15 1.70
C ASP A 92 18.72 0.75 1.42
N GLN A 93 18.48 1.90 2.02
CA GLN A 93 17.21 2.56 1.86
C GLN A 93 17.32 3.95 1.24
N PHE A 94 17.00 4.98 2.01
CA PHE A 94 17.03 6.36 1.54
C PHE A 94 18.40 6.86 1.13
N CYS A 95 18.46 7.62 0.03
CA CYS A 95 19.71 8.19 -0.46
C CYS A 95 19.53 9.69 -0.73
N HIS A 96 20.53 10.49 -0.39
CA HIS A 96 20.49 11.92 -0.62
C HIS A 96 21.88 12.48 -0.88
N GLU A 97 21.98 13.35 -1.86
CA GLU A 97 23.25 13.98 -2.20
C GLU A 97 23.32 15.30 -1.45
N GLU A 98 24.07 15.31 -0.36
CA GLU A 98 24.18 16.53 0.44
C GLU A 98 25.45 17.29 0.10
N GLN A 99 25.31 18.35 -0.69
CA GLN A 99 26.43 19.17 -1.11
C GLN A 99 27.44 18.29 -1.82
N ASN A 100 26.95 17.51 -2.78
CA ASN A 100 27.77 16.58 -3.51
C ASN A 100 28.13 15.50 -2.49
N SER A 101 28.16 14.24 -2.92
CA SER A 101 28.45 13.12 -2.02
C SER A 101 27.15 12.58 -1.40
N VAL A 102 27.09 11.27 -1.24
CA VAL A 102 25.94 10.55 -0.71
C VAL A 102 25.80 10.53 0.79
N VAL A 103 24.55 10.48 1.27
CA VAL A 103 24.24 10.40 2.69
C VAL A 103 23.03 9.50 2.76
N CYS A 104 23.17 8.34 3.39
CA CYS A 104 22.07 7.40 3.51
C CYS A 104 21.34 7.57 4.83
N SER A 105 20.08 7.17 4.85
CA SER A 105 19.25 7.23 6.06
C SER A 105 18.30 6.02 6.02
N CYS A 106 17.60 5.76 7.12
CA CYS A 106 16.68 4.61 7.17
C CYS A 106 15.31 4.97 7.71
N ALA A 107 14.31 4.19 7.29
CA ALA A 107 12.93 4.40 7.71
C ALA A 107 12.83 4.23 9.22
N ARG A 108 11.71 4.63 9.79
CA ARG A 108 11.52 4.51 11.23
C ARG A 108 11.57 3.05 11.70
N GLY A 109 12.41 2.76 12.68
CA GLY A 109 12.55 1.40 13.16
C GLY A 109 13.84 0.73 12.72
N TYR A 110 14.65 1.45 11.94
CA TYR A 110 15.93 0.93 11.47
C TYR A 110 16.96 1.96 11.91
N THR A 111 18.21 1.55 12.02
CA THR A 111 19.24 2.49 12.39
C THR A 111 20.38 2.31 11.41
N LEU A 112 20.93 3.41 10.95
CA LEU A 112 22.03 3.38 10.00
C LEU A 112 23.21 2.62 10.62
N ALA A 113 23.71 1.61 9.92
CA ALA A 113 24.83 0.83 10.42
C ALA A 113 26.11 1.65 10.41
N ASP A 114 27.16 1.08 11.00
CA ASP A 114 28.47 1.71 11.09
C ASP A 114 29.00 2.23 9.75
N ASN A 115 28.79 1.44 8.69
CA ASN A 115 29.26 1.83 7.37
C ASN A 115 28.58 3.09 6.83
N GLY A 116 27.55 3.55 7.52
CA GLY A 116 26.82 4.72 7.07
C GLY A 116 25.98 4.40 5.85
N LYS A 117 25.77 3.11 5.60
CA LYS A 117 24.98 2.67 4.45
C LYS A 117 23.88 1.67 4.79
N ALA A 118 24.25 0.55 5.40
CA ALA A 118 23.28 -0.49 5.73
C ALA A 118 22.25 -0.01 6.74
N CYS A 119 21.08 -0.62 6.73
CA CYS A 119 20.02 -0.26 7.65
C CYS A 119 19.73 -1.44 8.55
N ILE A 120 19.96 -1.25 9.84
CA ILE A 120 19.77 -2.30 10.84
C ILE A 120 18.43 -2.17 11.55
N PRO A 121 17.69 -3.28 11.66
CA PRO A 121 16.37 -3.29 12.34
C PRO A 121 16.51 -3.10 13.84
N THR A 122 15.57 -2.36 14.41
CA THR A 122 15.57 -2.11 15.84
C THR A 122 14.75 -3.20 16.55
N GLY A 123 13.53 -3.43 16.07
CA GLY A 123 12.69 -4.43 16.71
C GLY A 123 12.56 -5.76 15.99
N PRO A 124 11.74 -6.67 16.54
CA PRO A 124 11.47 -8.02 16.01
C PRO A 124 10.68 -8.04 14.69
N TYR A 125 9.82 -7.05 14.50
CA TYR A 125 9.02 -6.92 13.28
C TYR A 125 9.20 -5.54 12.64
N PRO A 126 10.37 -5.31 12.03
CA PRO A 126 10.64 -4.02 11.37
C PRO A 126 9.76 -3.83 10.12
N CYS A 127 9.37 -2.57 9.85
CA CYS A 127 8.53 -2.26 8.69
C CYS A 127 9.10 -2.81 7.38
N GLY A 128 8.22 -3.06 6.43
CA GLY A 128 8.67 -3.54 5.13
C GLY A 128 9.23 -4.94 5.03
N LYS A 129 9.21 -5.71 6.12
CA LYS A 129 9.75 -7.08 6.09
C LYS A 129 8.66 -8.16 6.10
N GLN A 130 8.74 -9.09 5.17
CA GLN A 130 7.80 -10.22 5.14
C GLN A 130 8.17 -11.08 6.36
N THR A 131 7.17 -11.62 7.04
CA THR A 131 7.43 -12.44 8.22
C THR A 131 7.78 -13.91 7.93
N LEU A 132 8.93 -14.33 8.42
CA LEU A 132 9.40 -15.72 8.25
C LEU A 132 9.11 -16.53 9.51
N GLU A 133 8.64 -15.81 10.54
CA GLU A 133 8.30 -16.41 11.84
C GLU A 133 7.41 -15.47 12.67
N ILE B 1 -8.72 -9.20 -6.66
CA ILE B 1 -7.53 -9.32 -7.54
C ILE B 1 -7.79 -10.28 -8.68
N VAL B 2 -7.66 -9.79 -9.90
CA VAL B 2 -7.85 -10.62 -11.10
C VAL B 2 -6.45 -11.06 -11.47
N GLY B 3 -6.27 -12.36 -11.70
CA GLY B 3 -4.95 -12.88 -12.02
C GLY B 3 -4.15 -13.03 -10.73
N GLY B 4 -2.84 -12.89 -10.83
CA GLY B 4 -2.00 -13.00 -9.65
C GLY B 4 -1.93 -14.34 -8.95
N GLN B 5 -1.33 -14.33 -7.78
CA GLN B 5 -1.16 -15.52 -6.96
C GLN B 5 -1.71 -15.19 -5.58
N GLU B 6 -1.99 -16.22 -4.79
CA GLU B 6 -2.49 -15.97 -3.46
C GLU B 6 -1.32 -15.70 -2.51
N CYS B 7 -1.53 -14.81 -1.54
CA CYS B 7 -0.47 -14.44 -0.61
C CYS B 7 -0.13 -15.64 0.23
N LYS B 8 1.11 -16.09 0.12
CA LYS B 8 1.56 -17.21 0.92
C LYS B 8 1.87 -16.73 2.34
N ASP B 9 2.10 -17.68 3.25
CA ASP B 9 2.36 -17.34 4.63
C ASP B 9 3.44 -16.30 4.86
N GLY B 10 3.05 -15.20 5.49
CA GLY B 10 3.99 -14.12 5.80
C GLY B 10 4.40 -13.26 4.63
N GLU B 11 3.82 -13.50 3.45
CA GLU B 11 4.14 -12.75 2.25
C GLU B 11 3.52 -11.34 2.18
N CYS B 12 2.36 -11.17 2.79
CA CYS B 12 1.68 -9.88 2.77
C CYS B 12 1.14 -9.54 4.16
N PRO B 13 2.04 -9.40 5.15
CA PRO B 13 1.65 -9.08 6.53
C PRO B 13 1.05 -7.69 6.79
N TRP B 14 1.28 -6.76 5.88
CA TRP B 14 0.79 -5.38 6.04
C TRP B 14 -0.63 -5.17 5.54
N GLN B 15 -1.22 -6.22 5.00
CA GLN B 15 -2.57 -6.13 4.50
C GLN B 15 -3.55 -6.09 5.64
N ALA B 16 -4.55 -5.22 5.52
CA ALA B 16 -5.60 -5.07 6.53
C ALA B 16 -6.91 -5.16 5.75
N LEU B 17 -8.01 -5.36 6.45
CA LEU B 17 -9.33 -5.50 5.82
C LEU B 17 -10.42 -4.87 6.69
N LEU B 18 -11.16 -3.94 6.12
CA LEU B 18 -12.25 -3.28 6.84
C LEU B 18 -13.48 -4.15 6.72
N ILE B 19 -14.10 -4.47 7.86
CA ILE B 19 -15.29 -5.32 7.88
C ILE B 19 -16.49 -4.57 8.43
N ASN B 20 -17.60 -4.66 7.71
CA ASN B 20 -18.84 -4.02 8.11
C ASN B 20 -19.49 -4.72 9.30
N GLU B 21 -20.64 -4.22 9.74
CA GLU B 21 -21.36 -4.77 10.88
C GLU B 21 -21.62 -6.28 10.82
N GLU B 22 -21.70 -6.83 9.61
CA GLU B 22 -21.94 -8.26 9.45
C GLU B 22 -20.66 -9.04 9.20
N ASN B 23 -19.53 -8.46 9.61
CA ASN B 23 -18.22 -9.07 9.44
C ASN B 23 -17.87 -9.39 7.99
N GLU B 24 -18.18 -8.45 7.09
CA GLU B 24 -17.89 -8.63 5.68
C GLU B 24 -16.84 -7.64 5.20
N GLY B 25 -15.76 -8.15 4.64
CA GLY B 25 -14.71 -7.27 4.14
C GLY B 25 -15.25 -6.50 2.95
N PHE B 26 -15.01 -5.20 2.93
CA PHE B 26 -15.50 -4.35 1.85
C PHE B 26 -14.43 -3.42 1.29
N CYS B 27 -13.25 -3.46 1.89
CA CYS B 27 -12.13 -2.64 1.46
C CYS B 27 -10.94 -3.16 2.24
N GLY B 28 -9.75 -2.72 1.84
CA GLY B 28 -8.55 -3.14 2.52
C GLY B 28 -7.82 -1.94 3.10
N GLY B 29 -6.57 -2.15 3.52
CA GLY B 29 -5.80 -1.06 4.08
C GLY B 29 -4.39 -1.55 4.24
N THR B 30 -3.52 -0.67 4.71
CA THR B 30 -2.12 -1.03 4.93
C THR B 30 -1.77 -0.71 6.37
N ILE B 31 -1.08 -1.62 7.04
CA ILE B 31 -0.68 -1.37 8.42
C ILE B 31 0.51 -0.44 8.36
N LEU B 32 0.36 0.76 8.92
CA LEU B 32 1.42 1.75 8.93
C LEU B 32 2.20 1.66 10.23
N SER B 33 1.50 1.29 11.30
CA SER B 33 2.09 1.14 12.63
C SER B 33 1.07 0.40 13.53
N GLU B 34 1.38 0.24 14.81
CA GLU B 34 0.48 -0.44 15.73
C GLU B 34 -0.89 0.23 15.89
N PHE B 35 -0.92 1.55 15.70
CA PHE B 35 -2.17 2.29 15.84
C PHE B 35 -2.76 2.79 14.55
N TYR B 36 -1.98 2.78 13.47
CA TYR B 36 -2.48 3.31 12.21
C TYR B 36 -2.63 2.39 11.02
N ILE B 37 -3.70 2.65 10.28
CA ILE B 37 -4.08 1.91 9.08
C ILE B 37 -4.28 2.96 8.00
N LEU B 38 -3.70 2.71 6.83
CA LEU B 38 -3.84 3.61 5.69
C LEU B 38 -4.88 3.03 4.75
N THR B 39 -5.88 3.83 4.41
CA THR B 39 -6.91 3.38 3.50
C THR B 39 -7.35 4.49 2.53
N ALA B 40 -8.39 4.21 1.76
CA ALA B 40 -8.95 5.15 0.80
C ALA B 40 -10.15 5.83 1.45
N ALA B 41 -10.28 7.14 1.25
CA ALA B 41 -11.39 7.91 1.83
C ALA B 41 -12.77 7.46 1.37
N HIS B 42 -12.86 6.99 0.13
CA HIS B 42 -14.14 6.51 -0.40
C HIS B 42 -14.67 5.25 0.32
N CYS B 43 -13.79 4.51 0.98
CA CYS B 43 -14.18 3.29 1.68
C CYS B 43 -15.03 3.54 2.92
N LEU B 44 -14.89 4.72 3.48
CA LEU B 44 -15.63 5.10 4.68
C LEU B 44 -17.11 5.31 4.36
N TYR B 45 -17.45 5.25 3.08
CA TYR B 45 -18.83 5.46 2.65
C TYR B 45 -19.59 4.17 2.39
N GLN B 46 -18.90 3.04 2.35
CA GLN B 46 -19.55 1.76 2.07
C GLN B 46 -19.95 0.94 3.29
N ALA B 47 -20.01 1.58 4.45
CA ALA B 47 -20.39 0.94 5.69
C ALA B 47 -20.57 2.00 6.76
N LYS B 48 -21.72 1.98 7.43
CA LYS B 48 -21.99 2.97 8.47
C LYS B 48 -21.12 2.76 9.69
N ARG B 49 -20.73 1.51 9.90
CA ARG B 49 -19.86 1.14 11.02
C ARG B 49 -18.98 0.01 10.50
N PHE B 50 -17.69 0.10 10.75
CA PHE B 50 -16.77 -0.93 10.29
C PHE B 50 -15.64 -1.12 11.28
N LYS B 51 -14.93 -2.24 11.13
CA LYS B 51 -13.81 -2.55 12.00
C LYS B 51 -12.65 -2.96 11.12
N VAL B 52 -11.48 -3.10 11.72
CA VAL B 52 -10.29 -3.47 10.99
C VAL B 52 -9.75 -4.85 11.44
N ARG B 53 -9.63 -5.79 10.51
CA ARG B 53 -9.11 -7.12 10.81
C ARG B 53 -7.70 -7.26 10.21
N VAL B 54 -6.82 -7.92 10.94
CA VAL B 54 -5.44 -8.11 10.51
C VAL B 54 -5.03 -9.57 10.73
N GLY B 55 -3.97 -10.00 10.06
CA GLY B 55 -3.49 -11.37 10.19
C GLY B 55 -4.30 -12.39 9.42
N ASP B 56 -5.29 -11.91 8.66
CA ASP B 56 -6.13 -12.79 7.87
C ASP B 56 -5.55 -13.14 6.51
N ARG B 57 -5.85 -14.34 6.02
CA ARG B 57 -5.39 -14.78 4.71
C ARG B 57 -6.48 -15.61 4.06
N ASN B 58 -7.46 -16.03 4.86
CA ASN B 58 -8.57 -16.85 4.40
C ASN B 58 -9.74 -16.53 5.29
N THR B 59 -10.79 -15.99 4.70
CA THR B 59 -11.99 -15.56 5.40
C THR B 59 -12.84 -16.62 6.10
N GLU B 60 -12.94 -17.80 5.51
CA GLU B 60 -13.74 -18.88 6.08
C GLU B 60 -12.93 -19.87 6.91
N GLN B 61 -12.17 -19.38 7.87
CA GLN B 61 -11.33 -20.25 8.71
C GLN B 61 -10.50 -19.41 9.68
N GLU B 62 -10.08 -20.01 10.79
CA GLU B 62 -9.29 -19.29 11.79
C GLU B 62 -7.84 -19.77 11.87
N GLU B 63 -6.98 -19.10 11.10
CA GLU B 63 -5.55 -19.41 11.08
C GLU B 63 -4.88 -18.87 12.36
N GLY B 64 -5.70 -18.55 13.35
CA GLY B 64 -5.21 -18.06 14.63
C GLY B 64 -4.53 -16.72 14.71
N GLY B 65 -3.87 -16.28 13.64
CA GLY B 65 -3.20 -15.00 13.68
C GLY B 65 -4.11 -13.79 13.59
N GLU B 66 -5.37 -14.04 13.24
CA GLU B 66 -6.36 -12.99 13.08
C GLU B 66 -6.58 -12.14 14.33
N ALA B 67 -6.98 -10.89 14.11
CA ALA B 67 -7.24 -9.98 15.19
C ALA B 67 -8.11 -8.85 14.68
N VAL B 68 -9.20 -8.58 15.40
CA VAL B 68 -10.10 -7.49 15.04
C VAL B 68 -9.77 -6.31 15.93
N HIS B 69 -9.74 -5.12 15.34
CA HIS B 69 -9.42 -3.91 16.07
C HIS B 69 -10.50 -2.88 15.78
N GLU B 70 -10.90 -2.13 16.80
CA GLU B 70 -11.90 -1.10 16.64
C GLU B 70 -11.21 0.21 16.29
N VAL B 71 -11.90 1.04 15.50
CA VAL B 71 -11.35 2.32 15.09
C VAL B 71 -11.73 3.43 16.06
N GLU B 72 -10.71 4.11 16.58
CA GLU B 72 -10.93 5.19 17.50
C GLU B 72 -11.18 6.48 16.73
N VAL B 73 -10.34 6.75 15.74
CA VAL B 73 -10.48 7.98 14.96
C VAL B 73 -10.33 7.77 13.46
N VAL B 74 -11.18 8.45 12.70
CA VAL B 74 -11.13 8.39 11.25
C VAL B 74 -10.65 9.77 10.80
N ILE B 75 -9.60 9.81 10.01
CA ILE B 75 -9.05 11.07 9.53
C ILE B 75 -9.08 11.00 8.01
N LYS B 76 -10.09 11.59 7.40
CA LYS B 76 -10.23 11.57 5.95
C LYS B 76 -9.67 12.84 5.40
N HIS B 77 -9.04 12.77 4.23
CA HIS B 77 -8.49 13.97 3.62
C HIS B 77 -9.64 14.90 3.30
N ASN B 78 -9.57 16.13 3.80
CA ASN B 78 -10.62 17.12 3.58
C ASN B 78 -10.95 17.43 2.12
N ARG B 79 -9.95 17.38 1.25
CA ARG B 79 -10.18 17.63 -0.17
C ARG B 79 -10.59 16.41 -0.98
N PHE B 80 -11.06 15.36 -0.33
CA PHE B 80 -11.47 14.16 -1.07
C PHE B 80 -12.70 14.57 -1.83
N THR B 81 -12.72 14.29 -3.12
CA THR B 81 -13.88 14.63 -3.93
C THR B 81 -14.53 13.41 -4.55
N LYS B 82 -15.76 13.13 -4.12
CA LYS B 82 -16.53 12.00 -4.61
C LYS B 82 -16.70 12.00 -6.13
N GLU B 83 -16.50 13.16 -6.74
CA GLU B 83 -16.67 13.31 -8.19
C GLU B 83 -15.61 12.61 -9.04
N THR B 84 -14.35 12.80 -8.68
CA THR B 84 -13.24 12.24 -9.43
C THR B 84 -12.40 11.29 -8.62
N TYR B 85 -12.62 11.30 -7.31
CA TYR B 85 -11.85 10.47 -6.38
C TYR B 85 -10.48 11.08 -6.12
N ASP B 86 -10.33 12.37 -6.43
CA ASP B 86 -9.07 13.06 -6.19
C ASP B 86 -8.97 13.20 -4.68
N PHE B 87 -7.78 12.93 -4.14
CA PHE B 87 -7.54 13.01 -2.70
C PHE B 87 -8.21 11.80 -2.00
N ASP B 88 -8.07 10.62 -2.61
CA ASP B 88 -8.66 9.40 -2.08
C ASP B 88 -7.68 8.78 -1.07
N ILE B 89 -7.61 9.37 0.11
CA ILE B 89 -6.73 8.92 1.18
C ILE B 89 -7.32 9.25 2.56
N ALA B 90 -7.16 8.32 3.48
CA ALA B 90 -7.66 8.48 4.85
C ALA B 90 -6.84 7.58 5.77
N VAL B 91 -6.57 8.06 6.97
CA VAL B 91 -5.83 7.29 7.96
C VAL B 91 -6.80 6.94 9.09
N LEU B 92 -6.57 5.81 9.76
CA LEU B 92 -7.43 5.41 10.87
C LEU B 92 -6.60 5.10 12.12
N ARG B 93 -7.00 5.71 13.25
CA ARG B 93 -6.31 5.45 14.52
C ARG B 93 -7.12 4.40 15.25
N LEU B 94 -6.51 3.25 15.52
CA LEU B 94 -7.18 2.16 16.22
C LEU B 94 -7.22 2.39 17.73
N LYS B 95 -8.23 1.85 18.39
CA LYS B 95 -8.36 1.99 19.83
C LYS B 95 -7.29 1.20 20.56
N THR B 96 -6.90 0.05 20.03
CA THR B 96 -5.88 -0.79 20.65
C THR B 96 -4.72 -1.01 19.68
N PRO B 97 -3.47 -1.05 20.19
CA PRO B 97 -2.32 -1.26 19.31
C PRO B 97 -2.34 -2.65 18.72
N ILE B 98 -1.85 -2.76 17.49
CA ILE B 98 -1.76 -4.04 16.80
C ILE B 98 -0.50 -4.72 17.30
N THR B 99 -0.58 -6.01 17.59
CA THR B 99 0.58 -6.75 18.05
C THR B 99 1.09 -7.51 16.83
N PHE B 100 2.27 -7.10 16.35
CA PHE B 100 2.88 -7.70 15.19
C PHE B 100 3.27 -9.15 15.46
N ARG B 101 3.21 -9.96 14.42
CA ARG B 101 3.53 -11.38 14.52
C ARG B 101 3.54 -11.92 13.09
N MET B 102 3.60 -13.23 12.95
CA MET B 102 3.56 -13.82 11.63
C MET B 102 2.26 -13.32 10.98
N ASN B 103 2.37 -12.82 9.74
CA ASN B 103 1.22 -12.30 9.00
C ASN B 103 0.67 -10.98 9.53
N VAL B 104 1.40 -10.33 10.44
CA VAL B 104 0.96 -9.05 11.01
C VAL B 104 2.19 -8.18 11.19
N ALA B 105 2.42 -7.25 10.27
CA ALA B 105 3.60 -6.36 10.34
C ALA B 105 3.32 -5.14 9.46
N PRO B 106 3.89 -3.98 9.83
CA PRO B 106 3.71 -2.73 9.09
C PRO B 106 4.56 -2.62 7.82
N ALA B 107 4.14 -1.75 6.90
CA ALA B 107 4.88 -1.50 5.67
C ALA B 107 5.63 -0.19 5.92
N CYS B 108 6.79 -0.02 5.31
CA CYS B 108 7.59 1.20 5.51
C CYS B 108 7.05 2.43 4.78
N LEU B 109 7.16 3.58 5.42
CA LEU B 109 6.74 4.83 4.78
C LEU B 109 8.03 5.42 4.21
N PRO B 110 8.07 5.67 2.89
CA PRO B 110 9.25 6.23 2.23
C PRO B 110 9.32 7.75 2.30
N GLU B 111 10.45 8.29 1.85
CA GLU B 111 10.65 9.74 1.79
C GLU B 111 10.18 10.09 0.39
N ARG B 112 9.64 11.29 0.21
CA ARG B 112 9.14 11.70 -1.11
C ARG B 112 10.13 11.67 -2.27
N ASP B 113 11.14 12.54 -2.22
CA ASP B 113 12.12 12.61 -3.30
C ASP B 113 12.64 11.22 -3.67
N TRP B 114 13.10 10.49 -2.65
CA TRP B 114 13.62 9.15 -2.86
C TRP B 114 12.59 8.18 -3.43
N ALA B 115 11.37 8.22 -2.90
CA ALA B 115 10.30 7.36 -3.37
C ALA B 115 10.02 7.63 -4.85
N GLU B 116 9.89 8.91 -5.17
CA GLU B 116 9.61 9.32 -6.53
C GLU B 116 10.71 9.02 -7.54
N SER B 117 11.97 9.13 -7.13
CA SER B 117 13.07 8.87 -8.05
C SER B 117 13.53 7.42 -8.12
N THR B 118 13.49 6.73 -6.97
CA THR B 118 13.93 5.36 -6.89
C THR B 118 12.86 4.27 -6.87
N LEU B 119 11.78 4.49 -6.14
CA LEU B 119 10.71 3.50 -6.03
C LEU B 119 9.73 3.51 -7.20
N MET B 120 9.20 4.67 -7.55
CA MET B 120 8.24 4.77 -8.64
C MET B 120 8.84 4.55 -10.03
N THR B 121 10.16 4.47 -10.13
CA THR B 121 10.81 4.26 -11.40
C THR B 121 11.14 2.79 -11.58
N GLN B 122 10.80 1.99 -10.57
CA GLN B 122 11.04 0.55 -10.63
C GLN B 122 10.14 0.02 -11.73
N LYS B 123 10.40 -1.20 -12.17
CA LYS B 123 9.57 -1.81 -13.20
C LYS B 123 8.18 -2.14 -12.66
N THR B 124 8.12 -2.79 -11.49
CA THR B 124 6.84 -3.15 -10.92
C THR B 124 6.64 -2.77 -9.44
N GLY B 125 5.43 -3.08 -8.98
CA GLY B 125 5.00 -2.85 -7.61
C GLY B 125 4.09 -4.05 -7.29
N ILE B 126 3.57 -4.13 -6.08
CA ILE B 126 2.69 -5.25 -5.73
C ILE B 126 1.40 -4.77 -5.08
N VAL B 127 0.28 -5.29 -5.58
CA VAL B 127 -1.03 -4.93 -5.05
C VAL B 127 -1.71 -6.20 -4.48
N SER B 128 -2.53 -6.05 -3.44
CA SER B 128 -3.19 -7.20 -2.85
C SER B 128 -4.54 -6.87 -2.21
N GLY B 129 -5.31 -7.92 -1.91
CA GLY B 129 -6.61 -7.73 -1.27
C GLY B 129 -7.53 -8.93 -1.41
N PHE B 130 -8.72 -8.84 -0.83
CA PHE B 130 -9.71 -9.91 -0.91
C PHE B 130 -10.79 -9.54 -1.94
N GLY B 131 -10.43 -8.70 -2.90
CA GLY B 131 -11.38 -8.25 -3.90
C GLY B 131 -11.78 -9.29 -4.93
N ARG B 132 -12.70 -8.89 -5.81
CA ARG B 132 -13.20 -9.74 -6.89
C ARG B 132 -12.08 -10.32 -7.72
N THR B 133 -12.24 -11.58 -8.12
CA THR B 133 -11.25 -12.26 -8.96
C THR B 133 -11.58 -12.07 -10.45
N HIS B 134 -12.76 -11.51 -10.72
CA HIS B 134 -13.26 -11.24 -12.06
C HIS B 134 -14.17 -10.04 -11.91
N GLU B 135 -14.25 -9.21 -12.95
CA GLU B 135 -15.09 -8.01 -12.88
C GLU B 135 -16.48 -8.26 -12.35
N LYS B 136 -17.11 -9.34 -12.80
CA LYS B 136 -18.46 -9.69 -12.36
C LYS B 136 -18.51 -10.70 -11.22
N GLY B 137 -17.41 -11.41 -11.00
CA GLY B 137 -17.36 -12.39 -9.93
C GLY B 137 -17.59 -11.79 -8.55
N ARG B 138 -17.31 -12.57 -7.51
CA ARG B 138 -17.52 -12.11 -6.14
C ARG B 138 -16.23 -11.95 -5.34
N GLN B 139 -16.41 -11.57 -4.08
CA GLN B 139 -15.33 -11.35 -3.13
C GLN B 139 -14.55 -12.64 -2.81
N SER B 140 -13.23 -12.57 -2.92
CA SER B 140 -12.37 -13.72 -2.66
C SER B 140 -12.35 -14.11 -1.18
N THR B 141 -12.08 -15.38 -0.92
CA THR B 141 -11.97 -15.86 0.47
C THR B 141 -10.50 -15.87 0.85
N ARG B 142 -9.64 -15.90 -0.16
CA ARG B 142 -8.20 -15.90 0.03
C ARG B 142 -7.61 -14.55 -0.33
N LEU B 143 -6.56 -14.15 0.38
CA LEU B 143 -5.90 -12.90 0.11
C LEU B 143 -5.00 -13.19 -1.07
N LYS B 144 -5.00 -12.29 -2.05
CA LYS B 144 -4.15 -12.47 -3.21
C LYS B 144 -3.24 -11.26 -3.42
N MET B 145 -2.20 -11.45 -4.22
CA MET B 145 -1.27 -10.37 -4.52
C MET B 145 -1.03 -10.37 -6.02
N LEU B 146 -0.61 -9.25 -6.56
CA LEU B 146 -0.36 -9.18 -7.98
C LEU B 146 0.73 -8.17 -8.30
N GLU B 147 1.68 -8.58 -9.13
CA GLU B 147 2.74 -7.68 -9.55
C GLU B 147 2.15 -6.85 -10.68
N VAL B 148 2.25 -5.54 -10.56
CA VAL B 148 1.70 -4.63 -11.56
C VAL B 148 2.75 -3.63 -12.02
N PRO B 149 3.09 -3.65 -13.33
CA PRO B 149 4.08 -2.75 -13.90
C PRO B 149 3.63 -1.29 -13.77
N TYR B 150 4.56 -0.39 -13.47
CA TYR B 150 4.21 1.02 -13.37
C TYR B 150 3.85 1.46 -14.78
N VAL B 151 2.82 2.28 -14.93
CA VAL B 151 2.42 2.71 -16.26
C VAL B 151 2.83 4.15 -16.55
N ASP B 152 3.36 4.37 -17.75
CA ASP B 152 3.80 5.69 -18.17
C ASP B 152 2.67 6.71 -17.96
N ARG B 153 3.02 7.81 -17.29
CA ARG B 153 2.07 8.87 -16.99
C ARG B 153 1.21 9.30 -18.17
N ASN B 154 1.86 9.54 -19.30
CA ASN B 154 1.17 9.97 -20.51
C ASN B 154 0.18 8.93 -21.03
N SER B 155 0.67 7.71 -21.23
CA SER B 155 -0.19 6.63 -21.73
C SER B 155 -1.40 6.45 -20.82
N CYS B 156 -1.13 6.43 -19.52
CA CYS B 156 -2.18 6.28 -18.53
C CYS B 156 -3.30 7.29 -18.81
N LYS B 157 -2.94 8.57 -18.85
CA LYS B 157 -3.91 9.64 -19.11
C LYS B 157 -4.60 9.44 -20.46
N LEU B 158 -3.82 9.13 -21.48
CA LEU B 158 -4.37 8.89 -22.80
C LEU B 158 -5.50 7.85 -22.79
N SER B 159 -5.33 6.81 -21.99
CA SER B 159 -6.32 5.72 -21.91
C SER B 159 -7.53 6.01 -21.02
N SER B 160 -7.36 6.88 -20.05
CA SER B 160 -8.42 7.18 -19.11
C SER B 160 -9.60 8.02 -19.57
N SER B 161 -10.81 7.49 -19.38
CA SER B 161 -12.02 8.23 -19.72
C SER B 161 -12.26 9.30 -18.66
N PHE B 162 -11.61 9.13 -17.51
CA PHE B 162 -11.76 10.07 -16.41
C PHE B 162 -10.43 10.72 -16.09
N ILE B 163 -10.47 11.95 -15.60
CA ILE B 163 -9.27 12.71 -15.31
C ILE B 163 -8.31 12.09 -14.29
N ILE B 164 -7.06 11.90 -14.73
CA ILE B 164 -6.00 11.36 -13.90
C ILE B 164 -5.31 12.55 -13.24
N THR B 165 -5.88 13.01 -12.13
CA THR B 165 -5.32 14.15 -11.43
C THR B 165 -3.90 13.87 -10.97
N GLN B 166 -3.21 14.91 -10.50
CA GLN B 166 -1.83 14.78 -10.06
C GLN B 166 -1.63 13.95 -8.76
N ASN B 167 -2.72 13.53 -8.14
CA ASN B 167 -2.68 12.72 -6.92
C ASN B 167 -2.97 11.25 -7.22
N MET B 168 -2.94 10.90 -8.51
CA MET B 168 -3.20 9.53 -8.94
C MET B 168 -2.07 9.02 -9.82
N PHE B 169 -2.04 7.72 -10.03
CA PHE B 169 -1.04 7.10 -10.87
C PHE B 169 -1.56 5.76 -11.36
N CYS B 170 -1.14 5.36 -12.54
CA CYS B 170 -1.60 4.12 -13.15
C CYS B 170 -0.58 2.98 -13.06
N ALA B 171 -1.09 1.79 -12.78
CA ALA B 171 -0.28 0.58 -12.68
C ALA B 171 -1.19 -0.53 -13.19
N GLY B 172 -0.59 -1.49 -13.88
CA GLY B 172 -1.34 -2.60 -14.44
C GLY B 172 -0.82 -3.01 -15.82
N TYR B 173 -1.67 -3.67 -16.60
CA TYR B 173 -1.31 -4.12 -17.94
C TYR B 173 -2.32 -3.57 -18.93
N ASP B 174 -1.98 -3.64 -20.20
CA ASP B 174 -2.86 -3.13 -21.25
C ASP B 174 -3.91 -4.14 -21.69
N THR B 175 -3.50 -5.39 -21.82
CA THR B 175 -4.42 -6.43 -22.27
C THR B 175 -4.45 -7.64 -21.36
N LYS B 176 -3.31 -7.97 -20.76
CA LYS B 176 -3.21 -9.13 -19.87
C LYS B 176 -4.29 -9.04 -18.81
N GLN B 177 -4.99 -10.15 -18.61
CA GLN B 177 -6.09 -10.20 -17.63
C GLN B 177 -5.67 -10.27 -16.16
N GLU B 178 -4.98 -9.23 -15.70
CA GLU B 178 -4.50 -9.11 -14.32
C GLU B 178 -4.67 -7.67 -13.93
N ASP B 179 -5.30 -7.43 -12.78
CA ASP B 179 -5.57 -6.09 -12.31
C ASP B 179 -6.31 -6.22 -11.00
N ALA B 180 -6.28 -5.17 -10.19
CA ALA B 180 -6.99 -5.19 -8.93
C ALA B 180 -8.46 -5.07 -9.34
N CYS B 181 -9.37 -5.05 -8.37
CA CYS B 181 -10.80 -4.93 -8.64
C CYS B 181 -11.53 -4.53 -7.37
N GLN B 182 -12.84 -4.38 -7.47
CA GLN B 182 -13.63 -3.99 -6.32
C GLN B 182 -13.40 -4.90 -5.12
N GLY B 183 -13.24 -4.29 -3.95
CA GLY B 183 -12.99 -5.07 -2.77
C GLY B 183 -11.54 -4.88 -2.37
N ASP B 184 -10.68 -4.67 -3.36
CA ASP B 184 -9.25 -4.45 -3.15
C ASP B 184 -9.04 -2.98 -2.77
N SER B 185 -9.98 -2.13 -3.14
CA SER B 185 -9.89 -0.68 -2.87
C SER B 185 -9.49 -0.32 -1.43
N GLY B 186 -8.65 0.69 -1.30
CA GLY B 186 -8.17 1.10 0.01
C GLY B 186 -6.96 0.27 0.43
N GLY B 187 -6.79 -0.87 -0.24
CA GLY B 187 -5.68 -1.75 0.06
C GLY B 187 -4.34 -1.19 -0.35
N PRO B 188 -3.28 -2.00 -0.20
CA PRO B 188 -1.90 -1.60 -0.52
C PRO B 188 -1.36 -1.80 -1.91
N HIS B 189 -0.51 -0.85 -2.30
CA HIS B 189 0.26 -0.94 -3.52
C HIS B 189 1.59 -0.59 -2.88
N VAL B 190 2.46 -1.58 -2.76
CA VAL B 190 3.78 -1.38 -2.16
C VAL B 190 4.83 -1.69 -3.20
N THR B 191 6.00 -1.10 -3.03
CA THR B 191 7.12 -1.32 -3.94
C THR B 191 8.22 -1.95 -3.14
N ARG B 192 9.00 -2.81 -3.77
CA ARG B 192 10.08 -3.47 -3.08
C ARG B 192 11.45 -2.93 -3.46
N PHE B 193 12.29 -2.73 -2.45
CA PHE B 193 13.64 -2.25 -2.66
C PHE B 193 14.59 -2.99 -1.72
N LYS B 194 15.39 -3.89 -2.28
CA LYS B 194 16.34 -4.67 -1.49
C LYS B 194 15.73 -5.47 -0.32
N ASP B 195 14.63 -6.19 -0.58
CA ASP B 195 13.95 -7.00 0.43
C ASP B 195 13.09 -6.22 1.42
N THR B 196 12.98 -4.90 1.22
CA THR B 196 12.16 -4.07 2.08
C THR B 196 11.06 -3.45 1.23
N TYR B 197 9.82 -3.56 1.70
CA TYR B 197 8.66 -3.04 1.00
C TYR B 197 8.19 -1.70 1.54
N PHE B 198 8.06 -0.73 0.65
CA PHE B 198 7.63 0.62 0.98
C PHE B 198 6.24 0.86 0.42
N VAL B 199 5.41 1.59 1.15
CA VAL B 199 4.05 1.91 0.69
C VAL B 199 4.14 2.94 -0.43
N THR B 200 3.60 2.62 -1.59
CA THR B 200 3.66 3.54 -2.72
C THR B 200 2.31 4.00 -3.27
N GLY B 201 1.25 3.31 -2.90
CA GLY B 201 -0.07 3.68 -3.38
C GLY B 201 -1.18 2.97 -2.64
N ILE B 202 -2.41 3.38 -2.92
CA ILE B 202 -3.62 2.83 -2.34
C ILE B 202 -4.53 2.52 -3.52
N VAL B 203 -5.09 1.31 -3.59
CA VAL B 203 -6.00 0.93 -4.67
C VAL B 203 -7.15 1.96 -4.60
N SER B 204 -7.40 2.65 -5.71
CA SER B 204 -8.40 3.70 -5.73
C SER B 204 -9.61 3.43 -6.60
N TRP B 205 -9.40 3.30 -7.90
CA TRP B 205 -10.48 3.04 -8.84
C TRP B 205 -9.92 2.58 -10.18
N GLY B 206 -10.79 2.38 -11.15
CA GLY B 206 -10.36 1.93 -12.45
C GLY B 206 -11.59 1.76 -13.32
N GLU B 207 -11.40 1.44 -14.60
CA GLU B 207 -12.54 1.23 -15.49
C GLU B 207 -12.75 -0.26 -15.69
N GLY B 208 -13.74 -0.82 -15.01
CA GLY B 208 -13.97 -2.24 -15.07
C GLY B 208 -12.75 -2.84 -14.38
N CYS B 209 -12.47 -4.12 -14.61
CA CYS B 209 -11.30 -4.71 -14.01
C CYS B 209 -10.57 -5.57 -15.02
N ALA B 210 -9.33 -5.17 -15.32
CA ALA B 210 -8.46 -5.86 -16.29
C ALA B 210 -8.99 -5.68 -17.70
N ARG B 211 -9.76 -4.61 -17.91
CA ARG B 211 -10.31 -4.30 -19.21
C ARG B 211 -9.13 -3.93 -20.11
N LYS B 212 -9.21 -4.27 -21.38
CA LYS B 212 -8.09 -3.96 -22.28
C LYS B 212 -8.02 -2.48 -22.58
N GLY B 213 -6.80 -1.94 -22.61
CA GLY B 213 -6.65 -0.52 -22.87
C GLY B 213 -6.95 0.33 -21.66
N LYS B 214 -7.19 -0.31 -20.51
CA LYS B 214 -7.49 0.39 -19.26
C LYS B 214 -6.50 -0.06 -18.18
N TYR B 215 -6.24 0.81 -17.19
CA TYR B 215 -5.31 0.48 -16.13
C TYR B 215 -5.94 0.59 -14.73
N GLY B 216 -5.17 0.28 -13.69
CA GLY B 216 -5.69 0.40 -12.35
C GLY B 216 -5.18 1.74 -11.84
N ILE B 217 -6.06 2.55 -11.26
CA ILE B 217 -5.69 3.86 -10.74
C ILE B 217 -5.49 3.83 -9.22
N TYR B 218 -4.33 4.32 -8.77
CA TYR B 218 -3.97 4.33 -7.35
C TYR B 218 -3.69 5.74 -6.83
N THR B 219 -3.88 5.93 -5.52
CA THR B 219 -3.61 7.21 -4.90
C THR B 219 -2.09 7.34 -4.76
N LYS B 220 -1.54 8.48 -5.19
CA LYS B 220 -0.09 8.72 -5.12
C LYS B 220 0.32 8.97 -3.68
N VAL B 221 0.70 7.91 -2.99
CA VAL B 221 1.09 8.07 -1.61
C VAL B 221 2.20 9.11 -1.37
N THR B 222 3.20 9.17 -2.25
CA THR B 222 4.28 10.14 -2.05
C THR B 222 3.84 11.61 -2.06
N ALA B 223 2.66 11.87 -2.60
CA ALA B 223 2.11 13.23 -2.66
C ALA B 223 1.44 13.59 -1.33
N PHE B 224 1.30 12.61 -0.44
CA PHE B 224 0.64 12.81 0.83
C PHE B 224 1.46 12.39 2.06
N LEU B 225 2.77 12.23 1.88
CA LEU B 225 3.65 11.83 2.97
C LEU B 225 3.60 12.77 4.20
N LYS B 226 3.68 14.08 3.99
CA LYS B 226 3.61 15.00 5.12
C LYS B 226 2.22 14.88 5.77
N TRP B 227 1.19 14.80 4.95
CA TRP B 227 -0.18 14.67 5.42
C TRP B 227 -0.32 13.42 6.29
N ILE B 228 0.29 12.32 5.83
CA ILE B 228 0.25 11.07 6.56
C ILE B 228 0.92 11.27 7.90
N ASP B 229 2.07 11.93 7.88
CA ASP B 229 2.84 12.22 9.08
C ASP B 229 2.01 13.00 10.08
N ARG B 230 1.32 14.03 9.58
CA ARG B 230 0.48 14.88 10.41
C ARG B 230 -0.63 14.09 11.09
N SER B 231 -1.37 13.35 10.29
CA SER B 231 -2.47 12.53 10.77
C SER B 231 -2.01 11.53 11.84
N MET B 232 -0.83 10.96 11.66
CA MET B 232 -0.29 9.97 12.60
C MET B 232 0.19 10.62 13.88
N LYS B 233 0.83 11.77 13.76
CA LYS B 233 1.32 12.49 14.92
C LYS B 233 0.13 13.00 15.72
N THR B 234 -1.07 12.81 15.18
CA THR B 234 -2.31 13.24 15.82
C THR B 234 -3.53 12.53 15.23
#